data_7XD4
#
_entry.id   7XD4
#
_cell.length_a   1.00
_cell.length_b   1.00
_cell.length_c   1.00
_cell.angle_alpha   90.00
_cell.angle_beta   90.00
_cell.angle_gamma   90.00
#
_symmetry.space_group_name_H-M   'P 1'
#
loop_
_entity.id
_entity.type
_entity.pdbx_description
1 polymer "Co-transcriptional folded wild-type Tetrahymena group I intron with 6nt 3'/5'-exon"
2 non-polymer 'MAGNESIUM ION'
#
_entity_poly.entity_id   1
_entity_poly.type   'polyribonucleotide'
_entity_poly.pdbx_seq_one_letter_code
;CUCUCUAAAUAGCAAUAUUUACCUUUGGAGGGAAAAGUUAUCAGGCAUGCACCUGGUAGCUAGUCUUUAAACCAAUAGAU
UGCAUCGGUUUAAAAGGCAAGACCGUCAAAUUGCGGGAAAGGGGUCAACAGCCGUUCAGUACCAAGUCUCAGGGGAAACU
UUGAGAUGGCCUUGCAAAGGGUAUGGUAAUAAGCUGACGGACAUGGUCCUAACCACGCAGCCAAGUCCUAAGUCAACAGA
UCUUCUGUUGAUAUGGAUGCAGUUCACAGACUAAAUGUCGGUCGGGGAAGAUGUAUUCUUCUCAUAAGAUAUAGUCGGAC
CUCUCCUUAAUGGGAGCUAGCGGAUGAAGUGAUGCAACACUGGAGCCGCUGGGAACUAAUUUGUAUGCGAAAGUAUAUUG
AUUAGUUUUGGAGUACUCGUAAG
;
_entity_poly.pdbx_strand_id   N
#